data_9HSD
#
_entry.id   9HSD
#
_cell.length_a   50.294
_cell.length_b   67.901
_cell.length_c   117.073
_cell.angle_alpha   90.000
_cell.angle_beta   90.000
_cell.angle_gamma   90.000
#
_symmetry.space_group_name_H-M   'I 2 2 2'
#
loop_
_entity.id
_entity.type
_entity.pdbx_description
1 polymer 'Cholinephosphate cytidylyltransferase'
2 non-polymer 1-(pyridin-4-yl)methanamine
3 water water
#
_entity_poly.entity_id   1
_entity_poly.type   'polypeptide(L)'
_entity_poly.pdbx_seq_one_letter_code
;GHMAVPDDDDDDDNSNDESEYESSQMDSEKNKGSIKNSKNVVIYADGVYDMLHLGHMKQLEQAKKLFENTTLIVGVTSDN
ETKLFKGQVVQTLEERTETLKHIRWVDEIISPCPWVVTPEFLEKYKIDYVAHDDIPYANNQKEDIYAWLKRAGKFKATQR
TEGVSTTDLIVRILKNYEDY
;
_entity_poly.pdbx_strand_id   A
#
loop_
_chem_comp.id
_chem_comp.type
_chem_comp.name
_chem_comp.formula
NNW non-polymer 1-(pyridin-4-yl)methanamine 'C6 H8 N2'
#
# COMPACT_ATOMS: atom_id res chain seq x y z
N SER A 38 -17.35 12.76 10.39
CA SER A 38 -17.37 14.16 10.81
C SER A 38 -15.94 14.69 11.01
N LYS A 39 -15.34 14.37 12.17
CA LYS A 39 -13.94 14.67 12.40
C LYS A 39 -13.06 13.95 11.39
N ASN A 40 -12.00 14.63 10.95
CA ASN A 40 -11.11 14.06 9.96
C ASN A 40 -10.25 12.97 10.59
N VAL A 41 -10.18 11.82 9.92
CA VAL A 41 -9.51 10.62 10.41
C VAL A 41 -8.32 10.33 9.52
N VAL A 42 -7.16 10.11 10.13
CA VAL A 42 -5.92 9.92 9.39
C VAL A 42 -5.65 8.42 9.25
N ILE A 43 -5.56 7.96 8.01
CA ILE A 43 -5.40 6.54 7.68
C ILE A 43 -4.00 6.35 7.12
N TYR A 44 -3.38 5.22 7.48
CA TYR A 44 -2.06 4.90 6.98
C TYR A 44 -2.08 3.51 6.36
N ALA A 45 -1.53 3.41 5.15
CA ALA A 45 -1.33 2.13 4.47
C ALA A 45 0.09 2.12 3.91
N ASP A 46 0.71 0.95 3.88
CA ASP A 46 2.07 0.87 3.37
C ASP A 46 2.20 -0.34 2.46
N GLY A 47 3.31 -0.39 1.73
CA GLY A 47 3.51 -1.49 0.81
C GLY A 47 4.66 -1.19 -0.12
N VAL A 48 4.91 -2.13 -1.02
CA VAL A 48 5.93 -1.94 -2.04
C VAL A 48 5.39 -1.08 -3.18
N TYR A 49 4.16 -1.35 -3.62
CA TYR A 49 3.58 -0.70 -4.82
C TYR A 49 4.49 -0.81 -6.04
N ASP A 50 5.16 -1.94 -6.18
CA ASP A 50 5.89 -2.21 -7.42
C ASP A 50 4.88 -2.37 -8.55
N MET A 51 5.18 -1.79 -9.71
CA MET A 51 4.39 -1.97 -10.93
C MET A 51 2.90 -1.76 -10.67
N LEU A 52 2.60 -0.57 -10.16
CA LEU A 52 1.26 -0.24 -9.67
C LEU A 52 0.18 -0.70 -10.64
N HIS A 53 -0.79 -1.45 -10.12
CA HIS A 53 -1.90 -1.97 -10.90
C HIS A 53 -3.24 -1.73 -10.18
N LEU A 54 -4.33 -2.17 -10.81
CA LEU A 54 -5.68 -1.95 -10.32
C LEU A 54 -5.87 -2.51 -8.92
N GLY A 55 -5.21 -3.63 -8.63
CA GLY A 55 -5.27 -4.21 -7.29
C GLY A 55 -4.82 -3.23 -6.20
N HIS A 56 -3.66 -2.60 -6.39
CA HIS A 56 -3.24 -1.57 -5.42
C HIS A 56 -4.24 -0.43 -5.36
N MET A 57 -4.72 0.01 -6.53
CA MET A 57 -5.62 1.16 -6.59
C MET A 57 -6.90 0.90 -5.80
N LYS A 58 -7.52 -0.27 -5.99
CA LYS A 58 -8.75 -0.58 -5.27
C LYS A 58 -8.50 -0.72 -3.77
N GLN A 59 -7.31 -1.22 -3.39
CA GLN A 59 -6.95 -1.28 -1.99
C GLN A 59 -6.84 0.11 -1.38
N LEU A 60 -6.11 1.00 -2.05
CA LEU A 60 -5.98 2.38 -1.60
C LEU A 60 -7.33 3.08 -1.53
N GLU A 61 -8.18 2.89 -2.55
CA GLU A 61 -9.52 3.46 -2.49
C GLU A 61 -10.25 2.98 -1.24
N GLN A 62 -10.17 1.67 -0.99
CA GLN A 62 -10.89 1.11 0.14
C GLN A 62 -10.38 1.70 1.45
N ALA A 63 -9.07 1.88 1.57
CA ALA A 63 -8.51 2.55 2.75
C ALA A 63 -9.01 3.99 2.84
N LYS A 64 -8.98 4.71 1.72
CA LYS A 64 -9.41 6.12 1.71
C LYS A 64 -10.86 6.27 2.16
N LYS A 65 -11.72 5.28 1.90
CA LYS A 65 -13.14 5.39 2.19
C LYS A 65 -13.55 4.65 3.44
N LEU A 66 -12.59 4.27 4.29
CA LEU A 66 -12.96 3.66 5.56
C LEU A 66 -13.91 4.55 6.36
N PHE A 67 -13.76 5.88 6.27
CA PHE A 67 -14.65 6.80 6.98
C PHE A 67 -15.06 7.92 6.04
N GLU A 68 -16.02 8.72 6.52
CA GLU A 68 -16.54 9.82 5.71
C GLU A 68 -15.44 10.81 5.37
N ASN A 69 -14.70 11.27 6.38
CA ASN A 69 -13.69 12.31 6.23
C ASN A 69 -12.34 11.72 6.63
N THR A 70 -11.43 11.57 5.66
CA THR A 70 -10.16 10.90 5.90
C THR A 70 -9.01 11.64 5.23
N THR A 71 -7.81 11.46 5.81
CA THR A 71 -6.55 11.74 5.14
C THR A 71 -5.82 10.41 5.02
N LEU A 72 -5.57 9.98 3.79
CA LEU A 72 -4.86 8.72 3.54
C LEU A 72 -3.38 9.02 3.33
N ILE A 73 -2.55 8.53 4.24
CA ILE A 73 -1.10 8.58 4.12
C ILE A 73 -0.62 7.22 3.61
N VAL A 74 0.25 7.24 2.61
CA VAL A 74 0.73 6.02 1.99
C VAL A 74 2.24 5.92 2.18
N GLY A 75 2.70 4.79 2.70
CA GLY A 75 4.10 4.56 2.96
C GLY A 75 4.66 3.60 1.92
N VAL A 76 5.84 3.93 1.40
CA VAL A 76 6.47 3.19 0.32
C VAL A 76 7.78 2.61 0.83
N THR A 77 7.89 1.28 0.81
CA THR A 77 9.05 0.63 1.38
C THR A 77 10.31 0.88 0.55
N SER A 78 11.44 0.97 1.24
CA SER A 78 12.70 1.27 0.57
C SER A 78 13.16 0.07 -0.25
N ASP A 79 14.01 0.36 -1.25
CA ASP A 79 14.53 -0.72 -2.09
C ASP A 79 15.33 -1.73 -1.27
N ASN A 80 16.22 -1.25 -0.41
CA ASN A 80 17.09 -2.17 0.33
C ASN A 80 16.26 -3.11 1.21
N GLU A 81 15.38 -2.55 2.04
CA GLU A 81 14.63 -3.37 2.99
C GLU A 81 13.66 -4.29 2.26
N THR A 82 13.02 -3.81 1.19
CA THR A 82 12.14 -4.69 0.42
C THR A 82 12.92 -5.87 -0.15
N LYS A 83 14.10 -5.59 -0.73
CA LYS A 83 14.90 -6.64 -1.34
C LYS A 83 15.48 -7.60 -0.29
N LEU A 84 15.71 -7.12 0.93
CA LEU A 84 16.31 -7.99 1.93
C LEU A 84 15.26 -8.85 2.62
N PHE A 85 14.08 -8.28 2.88
CA PHE A 85 13.05 -8.91 3.71
C PHE A 85 11.91 -9.55 2.93
N LYS A 86 11.61 -9.08 1.72
CA LYS A 86 10.44 -9.56 0.99
C LYS A 86 10.83 -10.21 -0.34
N GLY A 87 11.51 -9.48 -1.21
CA GLY A 87 11.92 -10.06 -2.46
C GLY A 87 12.13 -8.98 -3.51
N GLN A 88 12.20 -9.44 -4.76
CA GLN A 88 12.67 -8.62 -5.85
C GLN A 88 11.66 -7.53 -6.17
N VAL A 89 12.18 -6.34 -6.49
CA VAL A 89 11.36 -5.18 -6.80
C VAL A 89 11.87 -4.62 -8.12
N VAL A 90 10.96 -4.40 -9.05
CA VAL A 90 11.35 -3.94 -10.38
C VAL A 90 11.73 -2.47 -10.36
N GLN A 91 10.91 -1.64 -9.74
CA GLN A 91 11.08 -0.19 -9.82
C GLN A 91 11.72 0.35 -8.55
N THR A 92 12.54 1.38 -8.73
CA THR A 92 13.19 2.04 -7.61
C THR A 92 12.17 2.79 -6.76
N LEU A 93 12.58 3.10 -5.54
CA LEU A 93 11.73 3.84 -4.63
C LEU A 93 11.22 5.13 -5.29
N GLU A 94 12.11 5.83 -5.98
CA GLU A 94 11.70 7.08 -6.61
C GLU A 94 10.63 6.85 -7.67
N GLU A 95 10.78 5.80 -8.49
CA GLU A 95 9.77 5.52 -9.52
C GLU A 95 8.44 5.08 -8.91
N ARG A 96 8.50 4.21 -7.89
CA ARG A 96 7.27 3.71 -7.28
C ARG A 96 6.50 4.83 -6.60
N THR A 97 7.20 5.84 -6.10
CA THR A 97 6.54 6.95 -5.42
C THR A 97 5.92 7.91 -6.41
N GLU A 98 6.64 8.23 -7.50
CA GLU A 98 6.15 9.14 -8.52
C GLU A 98 4.87 8.62 -9.16
N THR A 99 4.69 7.30 -9.20
CA THR A 99 3.48 6.74 -9.79
C THR A 99 2.30 6.86 -8.81
N LEU A 100 2.54 6.63 -7.52
CA LEU A 100 1.49 6.75 -6.51
C LEU A 100 0.94 8.16 -6.41
N LYS A 101 1.77 9.17 -6.69
CA LYS A 101 1.37 10.56 -6.64
C LYS A 101 0.18 10.86 -7.56
N HIS A 102 -0.05 10.01 -8.55
CA HIS A 102 -1.11 10.19 -9.53
C HIS A 102 -2.41 9.54 -9.11
N ILE A 103 -2.45 8.84 -7.99
CA ILE A 103 -3.65 8.09 -7.60
C ILE A 103 -4.54 9.01 -6.78
N ARG A 104 -5.81 9.12 -7.19
CA ARG A 104 -6.71 10.11 -6.64
C ARG A 104 -6.94 9.94 -5.13
N TRP A 105 -6.77 8.74 -4.60
CA TRP A 105 -7.07 8.54 -3.18
C TRP A 105 -5.92 8.94 -2.27
N VAL A 106 -4.74 9.17 -2.82
CA VAL A 106 -3.53 9.36 -2.02
C VAL A 106 -3.45 10.81 -1.61
N ASP A 107 -3.44 11.06 -0.30
CA ASP A 107 -3.34 12.43 0.21
C ASP A 107 -1.91 12.81 0.55
N GLU A 108 -1.15 11.88 1.13
CA GLU A 108 0.22 12.15 1.57
C GLU A 108 1.02 10.87 1.39
N ILE A 109 2.30 11.03 1.07
CA ILE A 109 3.18 9.88 0.86
C ILE A 109 4.40 10.04 1.76
N ILE A 110 4.76 8.97 2.47
CA ILE A 110 6.02 8.86 3.21
C ILE A 110 6.90 7.89 2.44
N SER A 111 7.99 8.40 1.87
CA SER A 111 8.86 7.67 0.97
C SER A 111 10.31 8.01 1.26
N PRO A 112 11.10 7.08 1.84
CA PRO A 112 10.70 5.72 2.21
C PRO A 112 9.96 5.67 3.54
N CYS A 113 9.13 4.67 3.74
CA CYS A 113 8.48 4.46 5.02
C CYS A 113 9.27 3.47 5.87
N PRO A 114 9.03 3.40 7.16
CA PRO A 114 9.71 2.38 7.97
C PRO A 114 9.16 1.00 7.62
N TRP A 115 10.03 -0.01 7.75
CA TRP A 115 9.61 -1.37 7.41
C TRP A 115 8.67 -1.94 8.46
N VAL A 116 8.92 -1.65 9.74
CA VAL A 116 8.00 -2.00 10.82
C VAL A 116 7.31 -0.74 11.29
N VAL A 117 5.99 -0.78 11.37
CA VAL A 117 5.22 0.31 11.97
C VAL A 117 5.35 0.22 13.48
N THR A 118 5.74 1.33 14.12
CA THR A 118 5.82 1.42 15.59
C THR A 118 4.76 2.36 16.13
N PRO A 119 4.40 2.20 17.42
CA PRO A 119 3.52 3.21 18.07
C PRO A 119 4.09 4.63 18.02
N GLU A 120 5.42 4.78 18.07
CA GLU A 120 6.02 6.11 17.94
C GLU A 120 5.83 6.68 16.55
N PHE A 121 5.76 5.81 15.54
CA PHE A 121 5.49 6.28 14.19
C PHE A 121 4.06 6.80 14.08
N LEU A 122 3.10 6.10 14.67
CA LEU A 122 1.72 6.55 14.64
C LEU A 122 1.55 7.89 15.35
N GLU A 123 2.26 8.06 16.46
CA GLU A 123 2.16 9.29 17.23
C GLU A 123 2.76 10.47 16.46
N LYS A 124 3.92 10.28 15.84
CA LYS A 124 4.60 11.40 15.20
C LYS A 124 3.84 11.91 13.98
N TYR A 125 3.19 11.02 13.23
CA TYR A 125 2.43 11.41 12.05
C TYR A 125 0.95 11.55 12.34
N LYS A 126 0.54 11.44 13.60
CA LYS A 126 -0.85 11.59 14.01
C LYS A 126 -1.76 10.67 13.20
N ILE A 127 -1.33 9.41 13.08
CA ILE A 127 -2.09 8.38 12.39
C ILE A 127 -3.13 7.81 13.34
N ASP A 128 -4.37 7.69 12.85
CA ASP A 128 -5.45 7.12 13.66
C ASP A 128 -5.65 5.64 13.41
N TYR A 129 -5.50 5.20 12.16
CA TYR A 129 -5.77 3.82 11.78
C TYR A 129 -4.77 3.36 10.72
N VAL A 130 -4.42 2.08 10.81
CA VAL A 130 -3.56 1.42 9.84
C VAL A 130 -4.45 0.49 9.03
N ALA A 131 -4.39 0.62 7.71
CA ALA A 131 -5.20 -0.19 6.82
C ALA A 131 -4.26 -1.20 6.16
N HIS A 132 -4.56 -2.49 6.31
CA HIS A 132 -3.72 -3.56 5.77
C HIS A 132 -4.61 -4.66 5.22
N ASP A 133 -4.02 -5.57 4.45
CA ASP A 133 -4.80 -6.69 3.90
C ASP A 133 -4.65 -7.95 4.74
N ASP A 144 1.18 -13.14 15.39
CA ASP A 144 0.57 -12.03 14.65
C ASP A 144 1.37 -10.75 14.86
N ILE A 145 2.10 -10.32 13.83
CA ILE A 145 2.92 -9.11 13.90
C ILE A 145 2.04 -7.89 14.14
N TYR A 146 0.82 -7.92 13.62
CA TYR A 146 -0.09 -6.79 13.69
C TYR A 146 -1.04 -6.86 14.89
N ALA A 147 -0.77 -7.73 15.87
CA ALA A 147 -1.69 -7.90 17.00
C ALA A 147 -1.78 -6.64 17.84
N TRP A 148 -0.69 -5.88 17.98
CA TRP A 148 -0.76 -4.66 18.76
C TRP A 148 -1.68 -3.63 18.10
N LEU A 149 -1.74 -3.61 16.77
CA LEU A 149 -2.65 -2.69 16.10
C LEU A 149 -4.09 -3.11 16.33
N LYS A 150 -4.39 -4.40 16.28
CA LYS A 150 -5.75 -4.84 16.55
C LYS A 150 -6.14 -4.50 17.99
N ARG A 151 -5.21 -4.73 18.93
CA ARG A 151 -5.46 -4.45 20.35
C ARG A 151 -5.73 -2.98 20.61
N ALA A 152 -5.15 -2.10 19.81
CA ALA A 152 -5.31 -0.66 19.99
C ALA A 152 -6.52 -0.11 19.25
N GLY A 153 -7.26 -0.96 18.53
CA GLY A 153 -8.39 -0.47 17.75
C GLY A 153 -8.02 0.20 16.45
N LYS A 154 -6.78 0.02 15.98
CA LYS A 154 -6.26 0.79 14.85
C LYS A 154 -6.05 -0.05 13.59
N PHE A 155 -6.36 -1.34 13.63
CA PHE A 155 -6.24 -2.21 12.46
C PHE A 155 -7.53 -2.17 11.65
N LYS A 156 -7.42 -1.85 10.35
CA LYS A 156 -8.55 -1.87 9.44
C LYS A 156 -8.18 -2.75 8.23
N ALA A 157 -8.97 -3.78 7.98
CA ALA A 157 -8.69 -4.66 6.86
C ALA A 157 -9.10 -4.02 5.54
N THR A 158 -8.38 -4.37 4.48
CA THR A 158 -8.72 -4.05 3.10
C THR A 158 -8.40 -5.27 2.25
N GLN A 159 -9.26 -5.60 1.30
CA GLN A 159 -9.07 -6.84 0.56
C GLN A 159 -8.21 -6.61 -0.67
N ARG A 160 -7.66 -7.70 -1.18
CA ARG A 160 -6.92 -7.72 -2.43
C ARG A 160 -7.82 -8.22 -3.55
N THR A 161 -7.51 -7.77 -4.76
CA THR A 161 -8.19 -8.21 -5.97
C THR A 161 -7.21 -9.07 -6.75
N GLU A 162 -7.50 -10.36 -6.86
CA GLU A 162 -6.66 -11.23 -7.66
C GLU A 162 -7.02 -11.07 -9.13
N GLY A 163 -6.04 -11.30 -10.00
CA GLY A 163 -6.28 -11.35 -11.43
C GLY A 163 -6.06 -10.05 -12.20
N VAL A 164 -5.69 -8.96 -11.53
CA VAL A 164 -5.52 -7.66 -12.19
C VAL A 164 -4.09 -7.17 -12.14
N SER A 165 -3.15 -8.01 -11.74
CA SER A 165 -1.79 -7.52 -11.54
C SER A 165 -1.11 -7.26 -12.87
N THR A 166 -0.03 -6.49 -12.81
CA THR A 166 0.75 -6.22 -14.02
C THR A 166 1.24 -7.52 -14.64
N THR A 167 1.63 -8.50 -13.81
CA THR A 167 2.14 -9.75 -14.35
C THR A 167 1.02 -10.59 -14.97
N ASP A 168 -0.17 -10.54 -14.38
CA ASP A 168 -1.33 -11.21 -14.99
C ASP A 168 -1.58 -10.70 -16.40
N LEU A 169 -1.37 -9.40 -16.63
CA LEU A 169 -1.60 -8.84 -17.95
C LEU A 169 -0.57 -9.35 -18.95
N ILE A 170 0.70 -9.43 -18.52
CA ILE A 170 1.72 -9.98 -19.40
C ILE A 170 1.44 -11.45 -19.68
N VAL A 171 0.88 -12.17 -18.71
CA VAL A 171 0.43 -13.53 -18.97
C VAL A 171 -0.63 -13.55 -20.07
N ARG A 172 -1.58 -12.61 -20.01
CA ARG A 172 -2.60 -12.52 -21.06
C ARG A 172 -1.97 -12.21 -22.42
N ILE A 173 -0.91 -11.41 -22.46
CA ILE A 173 -0.22 -11.18 -23.73
C ILE A 173 0.35 -12.47 -24.27
N LEU A 174 1.07 -13.22 -23.43
CA LEU A 174 1.74 -14.42 -23.88
C LEU A 174 0.76 -15.51 -24.30
N LYS A 175 -0.45 -15.50 -23.76
CA LYS A 175 -1.42 -16.52 -24.14
C LYS A 175 -1.94 -16.34 -25.56
N ASN A 176 -1.58 -15.27 -26.26
CA ASN A 176 -1.92 -15.09 -27.67
C ASN A 176 -1.03 -15.90 -28.59
N TYR A 177 -0.18 -16.76 -28.03
CA TYR A 177 0.79 -17.54 -28.78
C TYR A 177 0.54 -18.99 -28.41
N GLU A 178 -0.23 -19.67 -29.28
CA GLU A 178 -0.49 -21.09 -29.11
C GLU A 178 0.82 -21.85 -29.06
N ASP A 179 0.93 -22.76 -28.08
CA ASP A 179 2.21 -23.41 -27.78
C ASP A 179 2.84 -24.03 -29.01
N TYR A 180 2.04 -24.64 -29.88
CA TYR A 180 2.55 -25.25 -31.10
C TYR A 180 1.92 -24.61 -32.33
C15 NNW B . 4.80 -5.68 2.80
C16 NNW B . 5.25 -4.66 3.82
C17 NNW B . 6.54 -4.72 4.35
C18 NNW B . 6.94 -3.76 5.29
C19 NNW B . 4.91 -2.75 5.21
C20 NNW B . 4.42 -3.65 4.26
N23 NNW B . 4.59 -5.15 1.47
N24 NNW B . 6.14 -2.77 5.73
C15 NNW C . 10.44 10.88 -2.65
C16 NNW C . 11.74 10.37 -3.14
C17 NNW C . 12.61 11.26 -3.80
C18 NNW C . 13.82 10.75 -4.29
C19 NNW C . 13.32 8.61 -3.55
C20 NNW C . 12.08 9.04 -3.03
N23 NNW C . 9.62 11.42 -3.73
N24 NNW C . 14.18 9.45 -4.18
#